data_6EVU
#
_entry.id   6EVU
#
_cell.length_a   60.550
_cell.length_b   60.550
_cell.length_c   153.320
_cell.angle_alpha   90.000
_cell.angle_beta   90.000
_cell.angle_gamma   90.000
#
_symmetry.space_group_name_H-M   'P 43 21 2'
#
loop_
_entity.id
_entity.type
_entity.pdbx_description
1 polymer PrgB
2 non-polymer 'PHOSPHATE ION'
3 non-polymer 2-AMINO-2-HYDROXYMETHYL-PROPANE-1,3-DIOL
4 water water
#
_entity_poly.entity_id   1
_entity_poly.type   'polypeptide(L)'
_entity_poly.pdbx_seq_one_letter_code
;SMEPYEKEVAEYNKHKNENSYVNEAISKNLVFDQSVVTKDTKISSIKGGKFIKATDFNKVNAGDSKDIFTKLRKDMGGKA
TGNFQNSFVKEANLGSNGGYAVLLEKNKPVTVTYTGLNASYLGRKITKAEFVYELQSSPSQSGTLNAVFSNDPIITAFIG
TNRVNGKDVKTRLTIKFFDASGKEVLPDKDSPFAYALSSLNSSLTNKGGHAEFVSDFGANNAFKYINGSYVKKQADGKFY
SPEDIDYGTGPSGLKNSDWDAVGHKNAYFGSGVGLANGRISFSFGMTTKGKSNVPVSSAQWFAFSTNLNAQSVKP
;
_entity_poly.pdbx_strand_id   A
#
# COMPACT_ATOMS: atom_id res chain seq x y z
N GLU A 3 -24.30 11.14 -3.44
CA GLU A 3 -23.62 9.90 -3.81
C GLU A 3 -24.07 9.33 -5.16
N PRO A 4 -25.39 9.29 -5.46
CA PRO A 4 -25.81 8.79 -6.77
C PRO A 4 -25.15 9.50 -7.96
N TYR A 5 -24.81 10.78 -7.82
CA TYR A 5 -24.16 11.50 -8.92
C TYR A 5 -22.68 11.17 -9.07
N GLU A 6 -22.02 10.66 -8.01
CA GLU A 6 -20.62 10.24 -8.12
C GLU A 6 -20.51 8.87 -8.79
N LYS A 7 -21.45 7.96 -8.48
CA LYS A 7 -21.55 6.70 -9.22
C LYS A 7 -21.74 6.96 -10.71
N GLU A 8 -22.55 7.97 -11.06
CA GLU A 8 -22.75 8.32 -12.46
C GLU A 8 -21.48 8.90 -13.07
N VAL A 9 -20.73 9.69 -12.30
CA VAL A 9 -19.45 10.23 -12.76
C VAL A 9 -18.44 9.10 -12.96
N ALA A 10 -18.35 8.17 -11.98
CA ALA A 10 -17.48 7.02 -12.13
C ALA A 10 -17.82 6.21 -13.38
N GLU A 11 -19.12 5.98 -13.62
CA GLU A 11 -19.58 5.07 -14.67
C GLU A 11 -19.25 5.60 -16.08
N TYR A 12 -19.48 6.89 -16.32
CA TYR A 12 -19.14 7.48 -17.62
C TYR A 12 -17.64 7.43 -17.89
N ASN A 13 -16.81 7.59 -16.85
CA ASN A 13 -15.36 7.68 -16.94
C ASN A 13 -14.65 6.32 -16.99
N LYS A 14 -15.37 5.21 -16.86
CA LYS A 14 -14.71 3.91 -16.64
C LYS A 14 -13.79 3.54 -17.79
N HIS A 15 -14.25 3.71 -19.03
CA HIS A 15 -13.49 3.35 -20.23
C HIS A 15 -13.11 4.59 -21.04
N LYS A 16 -12.75 5.68 -20.36
CA LYS A 16 -12.28 6.88 -21.01
C LYS A 16 -11.01 7.36 -20.34
N ASN A 17 -10.27 8.23 -21.05
CA ASN A 17 -9.17 8.95 -20.45
C ASN A 17 -9.70 10.27 -19.91
N GLU A 18 -8.81 11.17 -19.49
CA GLU A 18 -9.32 12.39 -18.88
C GLU A 18 -10.16 13.15 -19.90
N ASN A 19 -11.32 13.64 -19.42
CA ASN A 19 -12.26 14.34 -20.29
C ASN A 19 -11.69 15.65 -20.77
N SER A 20 -10.61 16.11 -20.14
CA SER A 20 -10.12 17.44 -20.32
C SER A 20 -8.62 17.42 -20.48
N TYR A 21 -8.14 18.60 -20.80
CA TYR A 21 -6.74 18.90 -20.82
C TYR A 21 -6.31 19.57 -19.52
N VAL A 22 -7.26 19.88 -18.62
CA VAL A 22 -6.90 20.66 -17.44
C VAL A 22 -5.95 19.85 -16.59
N ASN A 23 -4.88 20.49 -16.13
CA ASN A 23 -3.85 19.80 -15.39
C ASN A 23 -3.07 20.83 -14.58
N GLU A 24 -2.66 20.42 -13.39
CA GLU A 24 -1.85 21.25 -12.53
C GLU A 24 -0.62 20.46 -12.14
N ALA A 25 0.53 21.12 -12.20
CA ALA A 25 1.78 20.47 -11.84
C ALA A 25 1.73 20.02 -10.38
N ILE A 26 2.36 18.89 -10.12
CA ILE A 26 2.50 18.42 -8.75
C ILE A 26 3.86 18.89 -8.25
N SER A 27 3.87 19.71 -7.22
CA SER A 27 5.15 20.06 -6.60
C SER A 27 5.67 18.87 -5.78
N LYS A 28 6.95 18.52 -5.99
CA LYS A 28 7.58 17.45 -5.22
C LYS A 28 8.39 18.04 -4.06
N ASN A 29 7.67 18.66 -3.13
CA ASN A 29 8.30 19.27 -1.97
C ASN A 29 8.80 18.23 -0.98
N LEU A 30 8.02 17.19 -0.78
CA LEU A 30 8.39 16.10 0.10
C LEU A 30 9.20 15.08 -0.68
N VAL A 31 10.38 14.75 -0.18
CA VAL A 31 11.23 13.73 -0.76
C VAL A 31 11.27 12.53 0.20
N PHE A 32 10.69 11.42 -0.24
CA PHE A 32 10.68 10.20 0.55
C PHE A 32 10.77 9.06 -0.46
N ASP A 33 11.99 8.74 -0.85
CA ASP A 33 12.24 7.83 -1.98
C ASP A 33 13.58 7.14 -1.71
N GLN A 34 14.12 6.41 -2.71
CA GLN A 34 15.34 5.64 -2.44
C GLN A 34 16.50 6.53 -1.96
N SER A 35 16.53 7.78 -2.39
CA SER A 35 17.61 8.68 -2.00
C SER A 35 17.68 8.96 -0.50
N VAL A 36 16.65 8.63 0.28
CA VAL A 36 16.61 9.00 1.68
C VAL A 36 17.09 7.87 2.59
N VAL A 37 17.38 6.71 2.03
CA VAL A 37 17.85 5.55 2.80
C VAL A 37 19.35 5.66 2.98
N THR A 38 19.82 5.52 4.21
CA THR A 38 21.23 5.61 4.53
C THR A 38 21.74 4.31 5.11
N LYS A 39 23.08 4.25 5.31
CA LYS A 39 23.70 3.08 5.92
C LYS A 39 23.12 2.79 7.29
N ASP A 40 22.53 3.79 7.95
CA ASP A 40 21.98 3.65 9.28
C ASP A 40 20.45 3.51 9.29
N THR A 41 19.80 3.52 8.13
CA THR A 41 18.34 3.41 8.11
C THR A 41 17.92 2.04 8.63
N LYS A 42 16.90 2.01 9.50
CA LYS A 42 16.42 0.75 10.07
C LYS A 42 15.13 1.01 10.84
N ILE A 43 14.38 -0.06 11.07
CA ILE A 43 13.30 -0.02 12.07
C ILE A 43 13.94 -0.04 13.44
N SER A 44 13.69 0.99 14.27
CA SER A 44 14.21 1.02 15.63
C SER A 44 13.28 0.37 16.65
N SER A 45 11.97 0.36 16.39
CA SER A 45 11.05 -0.33 17.28
C SER A 45 9.73 -0.57 16.56
N ILE A 46 9.01 -1.57 17.06
CA ILE A 46 7.65 -1.85 16.63
C ILE A 46 6.82 -2.03 17.88
N LYS A 47 5.76 -1.24 18.02
CA LYS A 47 5.00 -1.21 19.26
C LYS A 47 3.52 -1.39 18.96
N GLY A 48 2.81 -2.12 19.86
CA GLY A 48 1.37 -2.26 19.69
C GLY A 48 0.90 -3.55 19.10
N GLY A 49 1.79 -4.38 18.54
CA GLY A 49 1.35 -5.60 17.89
C GLY A 49 2.06 -6.83 18.43
N LYS A 50 1.34 -7.96 18.40
CA LYS A 50 1.98 -9.21 18.74
C LYS A 50 2.95 -9.60 17.62
N PHE A 51 4.10 -10.18 17.98
CA PHE A 51 5.10 -10.59 16.98
C PHE A 51 4.86 -12.03 16.55
N ILE A 52 5.09 -12.30 15.27
CA ILE A 52 5.05 -13.66 14.71
C ILE A 52 6.47 -14.16 14.60
N LYS A 53 6.75 -15.27 15.25
CA LYS A 53 8.06 -15.90 15.08
C LYS A 53 8.32 -16.24 13.61
N ALA A 54 9.51 -15.89 13.13
CA ALA A 54 9.93 -16.23 11.77
C ALA A 54 9.74 -17.70 11.49
N THR A 55 10.02 -18.58 12.49
CA THR A 55 9.87 -20.01 12.23
C THR A 55 8.40 -20.40 12.03
N ASP A 56 7.45 -19.65 12.60
CA ASP A 56 6.03 -19.87 12.30
C ASP A 56 5.67 -19.21 10.98
N PHE A 57 6.18 -18.01 10.76
CA PHE A 57 5.84 -17.31 9.54
C PHE A 57 6.35 -18.05 8.30
N ASN A 58 7.51 -18.69 8.39
CA ASN A 58 8.12 -19.26 7.20
C ASN A 58 7.51 -20.60 6.80
N LYS A 59 6.62 -21.18 7.60
CA LYS A 59 6.07 -22.49 7.27
C LYS A 59 4.97 -22.36 6.23
N VAL A 60 5.01 -23.25 5.25
CA VAL A 60 3.92 -23.33 4.29
C VAL A 60 3.44 -24.78 4.22
N ASN A 61 2.41 -24.99 3.44
CA ASN A 61 1.87 -26.33 3.25
C ASN A 61 2.61 -27.08 2.15
N ALA A 62 2.60 -28.40 2.26
CA ALA A 62 3.25 -29.27 1.27
C ALA A 62 2.77 -28.97 -0.15
N GLY A 63 3.72 -28.77 -1.07
CA GLY A 63 3.38 -28.41 -2.41
C GLY A 63 3.31 -26.92 -2.67
N ASP A 64 3.27 -26.11 -1.63
CA ASP A 64 3.18 -24.66 -1.78
C ASP A 64 4.51 -24.08 -2.26
N SER A 65 4.41 -23.01 -3.07
CA SER A 65 5.56 -22.13 -3.31
C SER A 65 5.92 -21.42 -2.02
N LYS A 66 7.15 -20.95 -1.95
CA LYS A 66 7.66 -20.31 -0.74
C LYS A 66 7.83 -18.81 -0.91
N ASP A 67 7.09 -18.22 -1.84
CA ASP A 67 7.17 -16.77 -1.97
C ASP A 67 6.54 -16.14 -0.73
N ILE A 68 6.84 -14.85 -0.51
CA ILE A 68 6.33 -14.13 0.66
C ILE A 68 4.81 -14.05 0.66
N PHE A 69 4.18 -13.95 -0.53
CA PHE A 69 2.73 -13.83 -0.54
C PHE A 69 2.10 -15.12 -0.05
N THR A 70 2.65 -16.26 -0.46
CA THR A 70 2.11 -17.54 -0.02
C THR A 70 2.27 -17.67 1.48
N LYS A 71 3.43 -17.27 2.02
CA LYS A 71 3.63 -17.28 3.47
C LYS A 71 2.61 -16.38 4.19
N LEU A 72 2.28 -15.26 3.59
CA LEU A 72 1.30 -14.35 4.16
C LEU A 72 -0.12 -14.90 4.23
N ARG A 73 -0.50 -15.68 3.23
CA ARG A 73 -1.86 -16.18 3.16
C ARG A 73 -2.19 -17.41 4.01
N LYS A 74 -2.07 -17.24 5.30
CA LYS A 74 -2.42 -18.23 6.28
C LYS A 74 -2.95 -17.45 7.49
N ASP A 75 -3.78 -18.10 8.28
CA ASP A 75 -4.39 -17.45 9.44
C ASP A 75 -3.46 -17.64 10.61
N MET A 76 -2.88 -16.56 11.11
CA MET A 76 -1.97 -16.65 12.26
C MET A 76 -2.61 -16.15 13.55
N GLY A 77 -3.92 -15.93 13.56
CA GLY A 77 -4.59 -15.58 14.80
C GLY A 77 -4.30 -16.65 15.83
N GLY A 78 -3.77 -16.26 16.99
CA GLY A 78 -3.39 -17.26 17.98
C GLY A 78 -2.08 -17.98 17.69
N LYS A 79 -1.36 -17.61 16.64
CA LYS A 79 -0.02 -18.12 16.37
C LYS A 79 0.99 -16.97 16.34
N ALA A 80 0.82 -15.98 17.23
CA ALA A 80 1.69 -14.82 17.27
C ALA A 80 2.30 -14.74 18.66
N THR A 81 3.28 -15.57 18.88
CA THR A 81 3.95 -15.67 20.18
C THR A 81 5.44 -15.31 20.11
N GLY A 82 5.84 -14.52 19.13
CA GLY A 82 7.22 -14.12 18.98
C GLY A 82 7.57 -12.90 19.79
N ASN A 83 8.79 -12.43 19.58
CA ASN A 83 9.26 -11.16 20.10
C ASN A 83 10.01 -10.46 18.98
N PHE A 84 10.51 -9.26 19.26
CA PHE A 84 11.14 -8.46 18.21
C PHE A 84 12.35 -9.18 17.63
N GLN A 85 13.15 -9.80 18.49
CA GLN A 85 14.30 -10.58 18.05
C GLN A 85 13.91 -11.70 17.06
N ASN A 86 13.02 -12.62 17.46
CA ASN A 86 12.83 -13.84 16.68
C ASN A 86 11.78 -13.67 15.58
N SER A 87 11.20 -12.47 15.44
CA SER A 87 10.28 -12.15 14.35
C SER A 87 10.99 -11.65 13.10
N PHE A 88 12.32 -11.56 13.11
CA PHE A 88 13.10 -11.06 11.98
C PHE A 88 13.11 -12.08 10.85
N VAL A 89 12.78 -11.63 9.63
CA VAL A 89 12.68 -12.52 8.47
C VAL A 89 13.59 -12.00 7.36
N LYS A 90 14.21 -12.92 6.60
CA LYS A 90 14.92 -12.62 5.37
C LYS A 90 14.08 -13.10 4.18
N GLU A 91 14.01 -12.27 3.15
N GLU A 91 13.94 -12.24 3.18
CA GLU A 91 13.31 -12.60 1.92
CA GLU A 91 13.30 -12.59 1.92
C GLU A 91 13.70 -11.50 0.94
C GLU A 91 13.71 -11.49 0.94
N ALA A 92 14.13 -11.88 -0.27
CA ALA A 92 14.68 -10.91 -1.21
C ALA A 92 13.72 -9.76 -1.47
N ASN A 93 12.41 -10.02 -1.44
CA ASN A 93 11.51 -8.89 -1.65
C ASN A 93 11.59 -7.85 -0.52
N LEU A 94 12.20 -8.15 0.65
CA LEU A 94 12.27 -7.21 1.78
C LEU A 94 13.47 -6.30 1.73
N GLY A 95 14.36 -6.52 0.76
CA GLY A 95 15.64 -5.83 0.72
C GLY A 95 16.68 -6.56 1.55
N SER A 96 17.95 -6.15 1.36
CA SER A 96 19.05 -6.91 1.95
C SER A 96 19.09 -6.83 3.48
N ASN A 97 18.32 -5.95 4.12
CA ASN A 97 18.35 -5.85 5.57
C ASN A 97 17.15 -6.52 6.24
N GLY A 98 16.25 -7.15 5.46
CA GLY A 98 15.19 -7.98 6.06
C GLY A 98 14.07 -7.14 6.70
N GLY A 99 13.30 -7.80 7.56
CA GLY A 99 12.13 -7.14 8.15
C GLY A 99 11.61 -7.97 9.30
N TYR A 100 10.39 -7.64 9.76
CA TYR A 100 9.83 -8.25 10.98
C TYR A 100 8.38 -8.65 10.76
N ALA A 101 8.00 -9.87 11.23
CA ALA A 101 6.64 -10.38 11.07
C ALA A 101 5.79 -9.99 12.28
N VAL A 102 4.60 -9.45 12.05
CA VAL A 102 3.78 -8.89 13.12
C VAL A 102 2.32 -9.23 12.85
N LEU A 103 1.54 -9.51 13.92
CA LEU A 103 0.11 -9.77 13.70
C LEU A 103 -0.65 -8.45 13.84
N LEU A 104 -1.48 -8.09 12.85
CA LEU A 104 -2.35 -6.92 12.97
C LEU A 104 -3.74 -7.36 13.39
N GLU A 105 -4.30 -6.67 14.39
CA GLU A 105 -5.60 -7.04 14.94
C GLU A 105 -6.46 -5.80 14.98
N LYS A 106 -7.79 -6.02 14.94
CA LYS A 106 -8.72 -4.93 15.04
C LYS A 106 -8.48 -4.16 16.33
N ASN A 107 -8.52 -2.84 16.21
CA ASN A 107 -8.44 -1.86 17.29
C ASN A 107 -7.10 -1.83 17.99
N LYS A 108 -6.04 -2.36 17.36
CA LYS A 108 -4.70 -2.40 17.95
C LYS A 108 -3.70 -1.85 16.92
N PRO A 109 -3.58 -0.52 16.82
CA PRO A 109 -2.66 0.08 15.84
C PRO A 109 -1.22 -0.25 16.20
N VAL A 110 -0.40 -0.52 15.18
CA VAL A 110 0.98 -0.92 15.36
C VAL A 110 1.85 0.20 14.84
N THR A 111 2.73 0.71 15.69
CA THR A 111 3.59 1.84 15.26
C THR A 111 4.97 1.28 14.92
N VAL A 112 5.39 1.46 13.65
CA VAL A 112 6.72 1.08 13.17
C VAL A 112 7.54 2.36 13.08
N THR A 113 8.64 2.45 13.83
CA THR A 113 9.48 3.63 13.79
C THR A 113 10.74 3.36 12.98
N TYR A 114 11.04 4.24 12.04
CA TYR A 114 12.31 4.24 11.32
C TYR A 114 13.19 5.34 11.87
N THR A 115 14.49 5.03 12.06
CA THR A 115 15.46 6.08 12.32
C THR A 115 16.56 6.02 11.25
N GLY A 116 17.44 6.99 11.31
CA GLY A 116 18.55 7.06 10.38
C GLY A 116 18.17 7.42 8.96
N LEU A 117 17.15 8.25 8.77
CA LEU A 117 16.74 8.65 7.43
C LEU A 117 17.43 9.93 6.98
N ASN A 118 17.42 10.16 5.67
CA ASN A 118 17.86 11.43 5.13
C ASN A 118 16.83 11.95 4.12
N ALA A 119 15.60 12.02 4.57
CA ALA A 119 14.49 12.56 3.80
C ALA A 119 14.44 14.06 3.99
N SER A 120 13.51 14.72 3.30
CA SER A 120 13.46 16.18 3.40
C SER A 120 12.11 16.70 2.99
N TYR A 121 11.86 17.95 3.39
CA TYR A 121 10.66 18.66 2.95
C TYR A 121 11.08 20.11 2.87
N LEU A 122 11.11 20.64 1.65
CA LEU A 122 11.59 21.97 1.40
C LEU A 122 12.94 22.21 2.10
N GLY A 123 13.87 21.27 1.94
CA GLY A 123 15.18 21.41 2.55
C GLY A 123 15.26 21.17 4.06
N ARG A 124 14.15 20.91 4.76
CA ARG A 124 14.19 20.50 6.17
C ARG A 124 14.44 18.99 6.22
N LYS A 125 15.50 18.58 6.91
CA LYS A 125 15.87 17.17 6.95
C LYS A 125 14.93 16.37 7.82
N ILE A 126 14.44 15.25 7.27
CA ILE A 126 13.60 14.30 7.99
C ILE A 126 14.46 13.10 8.31
N THR A 127 14.70 12.85 9.58
CA THR A 127 15.60 11.80 10.00
C THR A 127 14.90 10.59 10.59
N LYS A 128 13.61 10.70 10.91
CA LYS A 128 12.88 9.62 11.58
C LYS A 128 11.44 9.69 11.06
N ALA A 129 10.77 8.53 11.06
CA ALA A 129 9.35 8.47 10.71
C ALA A 129 8.64 7.38 11.50
N GLU A 130 7.36 7.63 11.79
CA GLU A 130 6.46 6.63 12.39
C GLU A 130 5.42 6.25 11.37
N PHE A 131 5.37 4.96 11.02
CA PHE A 131 4.31 4.42 10.16
C PHE A 131 3.35 3.64 11.06
N VAL A 132 2.11 4.10 11.19
CA VAL A 132 1.11 3.44 12.04
C VAL A 132 0.12 2.71 11.17
N TYR A 133 0.08 1.39 11.37
CA TYR A 133 -0.79 0.47 10.62
C TYR A 133 -1.93 0.01 11.52
N GLU A 134 -3.16 0.08 11.00
CA GLU A 134 -4.30 -0.39 11.75
C GLU A 134 -5.17 -1.22 10.84
N LEU A 135 -5.39 -2.48 11.23
CA LEU A 135 -6.35 -3.31 10.52
C LEU A 135 -7.72 -2.64 10.46
N GLN A 136 -8.31 -2.69 9.26
CA GLN A 136 -9.70 -2.30 9.04
C GLN A 136 -10.61 -3.40 8.49
N SER A 137 -10.08 -4.32 7.67
CA SER A 137 -10.91 -5.41 7.16
C SER A 137 -9.99 -6.62 6.94
N SER A 138 -10.53 -7.81 7.24
CA SER A 138 -9.78 -9.04 7.02
C SER A 138 -10.73 -10.15 6.66
N PRO A 139 -10.39 -10.98 5.65
CA PRO A 139 -11.22 -12.15 5.31
C PRO A 139 -10.88 -13.46 6.01
N SER A 140 -9.97 -13.45 7.00
CA SER A 140 -9.64 -14.71 7.68
C SER A 140 -10.63 -14.98 8.81
N GLN A 141 -10.62 -16.24 9.24
CA GLN A 141 -11.56 -16.67 10.26
C GLN A 141 -11.34 -15.89 11.54
N SER A 142 -10.08 -15.64 11.88
CA SER A 142 -9.71 -14.89 13.06
C SER A 142 -9.89 -13.40 12.85
N GLY A 143 -10.14 -12.94 11.63
CA GLY A 143 -10.25 -11.50 11.43
C GLY A 143 -8.97 -10.73 11.70
N THR A 144 -7.81 -11.36 11.48
CA THR A 144 -6.52 -10.72 11.67
C THR A 144 -5.82 -10.57 10.32
N LEU A 145 -4.74 -9.79 10.33
CA LEU A 145 -3.86 -9.75 9.16
C LEU A 145 -2.45 -10.01 9.62
N ASN A 146 -1.61 -10.55 8.70
CA ASN A 146 -0.20 -10.69 8.97
C ASN A 146 0.53 -9.57 8.22
N ALA A 147 1.62 -9.12 8.83
CA ALA A 147 2.41 -8.06 8.21
C ALA A 147 3.87 -8.43 8.32
N VAL A 148 4.62 -8.08 7.28
CA VAL A 148 6.07 -8.07 7.39
C VAL A 148 6.46 -6.64 7.07
N PHE A 149 7.12 -5.99 8.02
CA PHE A 149 7.58 -4.61 7.86
C PHE A 149 9.04 -4.63 7.50
N SER A 150 9.39 -3.97 6.41
CA SER A 150 10.78 -3.97 5.93
C SER A 150 11.64 -2.93 6.63
N ASN A 151 12.91 -3.27 6.87
CA ASN A 151 13.85 -2.29 7.37
C ASN A 151 14.10 -1.17 6.37
N ASP A 152 13.72 -1.35 5.09
CA ASP A 152 13.75 -0.31 4.07
C ASP A 152 12.37 0.37 4.06
N PRO A 153 12.26 1.64 4.50
CA PRO A 153 10.93 2.28 4.52
C PRO A 153 10.31 2.48 3.14
N ILE A 154 11.13 2.38 2.08
CA ILE A 154 10.66 2.51 0.71
C ILE A 154 10.15 1.20 0.15
N ILE A 155 10.50 0.07 0.78
CA ILE A 155 9.81 -1.19 0.51
C ILE A 155 8.56 -1.32 1.37
N THR A 156 8.66 -0.87 2.61
CA THR A 156 7.55 -0.62 3.53
C THR A 156 6.88 -1.88 4.13
N ALA A 157 5.87 -2.43 3.50
CA ALA A 157 5.05 -3.46 4.16
C ALA A 157 4.56 -4.50 3.18
N PHE A 158 4.47 -5.75 3.65
CA PHE A 158 3.73 -6.80 2.97
C PHE A 158 2.65 -7.26 3.92
N ILE A 159 1.40 -7.30 3.46
CA ILE A 159 0.29 -7.58 4.38
C ILE A 159 -0.62 -8.63 3.77
N GLY A 160 -1.10 -9.56 4.61
CA GLY A 160 -2.01 -10.54 4.03
C GLY A 160 -2.49 -11.52 5.09
N THR A 161 -3.45 -12.36 4.67
CA THR A 161 -3.98 -13.41 5.53
C THR A 161 -4.69 -14.45 4.65
N ASN A 162 -5.22 -15.47 5.27
CA ASN A 162 -6.02 -16.49 4.61
C ASN A 162 -7.37 -15.93 4.21
N ARG A 163 -7.91 -16.34 3.06
CA ARG A 163 -9.23 -15.87 2.69
C ARG A 163 -10.26 -16.98 2.94
N VAL A 164 -11.19 -16.76 3.89
CA VAL A 164 -12.31 -17.69 4.07
C VAL A 164 -13.64 -17.10 3.65
N ASN A 165 -13.73 -15.79 3.42
CA ASN A 165 -15.01 -15.19 3.02
C ASN A 165 -14.70 -14.11 2.00
N GLY A 166 -15.71 -13.30 1.68
CA GLY A 166 -15.56 -12.30 0.64
C GLY A 166 -15.13 -10.92 1.10
N LYS A 167 -14.76 -10.73 2.37
CA LYS A 167 -14.42 -9.40 2.84
C LYS A 167 -13.12 -8.89 2.24
N ASP A 168 -12.99 -7.57 2.18
CA ASP A 168 -11.74 -6.95 1.79
C ASP A 168 -10.61 -7.24 2.77
N VAL A 169 -9.40 -7.26 2.24
CA VAL A 169 -8.23 -6.89 3.04
C VAL A 169 -8.19 -5.37 3.06
N LYS A 170 -8.07 -4.76 4.24
CA LYS A 170 -7.91 -3.30 4.28
C LYS A 170 -7.16 -2.86 5.54
N THR A 171 -6.19 -1.94 5.36
CA THR A 171 -5.29 -1.46 6.39
C THR A 171 -5.23 0.05 6.28
N ARG A 172 -5.35 0.73 7.43
CA ARG A 172 -5.12 2.19 7.49
C ARG A 172 -3.65 2.43 7.78
N LEU A 173 -3.06 3.38 7.05
CA LEU A 173 -1.68 3.80 7.26
C LEU A 173 -1.66 5.30 7.52
N THR A 174 -1.11 5.69 8.68
CA THR A 174 -0.91 7.10 9.01
C THR A 174 0.55 7.31 9.30
N ILE A 175 1.17 8.32 8.67
CA ILE A 175 2.63 8.50 8.68
C ILE A 175 2.98 9.83 9.34
N LYS A 176 3.97 9.82 10.23
CA LYS A 176 4.49 11.05 10.78
C LYS A 176 5.95 11.15 10.44
N PHE A 177 6.38 12.32 9.93
CA PHE A 177 7.79 12.56 9.62
C PHE A 177 8.35 13.46 10.70
N PHE A 178 9.61 13.23 11.10
CA PHE A 178 10.24 14.03 12.15
C PHE A 178 11.55 14.62 11.69
N ASP A 179 11.77 15.88 12.06
CA ASP A 179 13.04 16.55 11.79
C ASP A 179 14.07 16.14 12.85
N ALA A 180 15.31 16.58 12.65
CA ALA A 180 16.43 16.16 13.49
C ALA A 180 16.22 16.49 14.95
N SER A 181 15.52 17.58 15.21
CA SER A 181 15.23 18.01 16.57
C SER A 181 14.06 17.23 17.19
N GLY A 182 13.43 16.33 16.45
CA GLY A 182 12.32 15.54 16.95
C GLY A 182 10.94 16.13 16.75
N LYS A 183 10.83 17.20 15.97
CA LYS A 183 9.56 17.84 15.73
C LYS A 183 8.91 17.28 14.47
N GLU A 184 7.61 17.00 14.55
CA GLU A 184 6.91 16.52 13.37
C GLU A 184 6.99 17.57 12.25
N VAL A 185 7.13 17.09 11.02
CA VAL A 185 7.16 17.93 9.83
C VAL A 185 5.80 17.80 9.15
N LEU A 186 5.09 18.93 9.00
CA LEU A 186 3.81 19.07 8.32
C LEU A 186 3.92 20.09 7.18
N PRO A 187 3.09 19.98 6.14
CA PRO A 187 3.28 20.84 4.96
C PRO A 187 2.87 22.29 5.18
N ASP A 188 3.60 23.18 4.51
CA ASP A 188 3.19 24.57 4.39
C ASP A 188 1.94 24.68 3.54
N LYS A 189 1.19 25.77 3.75
CA LYS A 189 -0.09 25.98 3.11
C LYS A 189 -0.07 25.70 1.61
N ASP A 190 0.91 26.25 0.90
CA ASP A 190 0.88 26.13 -0.55
C ASP A 190 1.85 25.08 -1.07
N SER A 191 2.29 24.16 -0.23
CA SER A 191 3.25 23.14 -0.64
C SER A 191 2.85 21.81 -0.02
N PRO A 192 1.70 21.26 -0.44
CA PRO A 192 1.23 19.99 0.10
C PRO A 192 2.21 18.86 -0.14
N PHE A 193 2.11 17.85 0.72
CA PHE A 193 2.80 16.58 0.52
C PHE A 193 2.18 15.88 -0.67
N ALA A 194 3.02 15.25 -1.49
CA ALA A 194 2.53 14.39 -2.55
C ALA A 194 3.18 13.01 -2.41
N TYR A 195 2.36 11.98 -2.54
CA TYR A 195 2.86 10.62 -2.41
C TYR A 195 2.24 9.74 -3.47
N ALA A 196 2.96 8.69 -3.83
CA ALA A 196 2.54 7.81 -4.90
C ALA A 196 1.57 6.75 -4.39
N LEU A 197 0.63 6.37 -5.24
CA LEU A 197 -0.21 5.21 -4.98
C LEU A 197 0.01 4.43 -6.25
N SER A 198 0.84 3.39 -6.16
CA SER A 198 1.35 2.70 -7.33
C SER A 198 1.00 1.23 -7.30
N SER A 199 1.26 0.60 -8.44
CA SER A 199 1.20 -0.85 -8.58
C SER A 199 -0.16 -1.37 -8.12
N LEU A 200 -1.24 -0.70 -8.49
CA LEU A 200 -2.56 -1.17 -8.04
C LEU A 200 -3.12 -2.05 -9.15
N ASN A 201 -2.66 -3.30 -9.17
CA ASN A 201 -3.07 -4.23 -10.21
C ASN A 201 -4.48 -4.75 -9.96
N SER A 202 -5.10 -5.27 -11.01
CA SER A 202 -6.46 -5.76 -10.94
C SER A 202 -6.68 -6.85 -11.97
N SER A 203 -7.36 -7.90 -11.55
CA SER A 203 -7.74 -9.02 -12.39
C SER A 203 -9.26 -9.17 -12.44
N LEU A 204 -9.98 -8.10 -12.09
CA LEU A 204 -11.43 -8.17 -11.88
C LEU A 204 -12.17 -8.44 -13.18
N THR A 205 -13.10 -9.39 -13.12
CA THR A 205 -14.00 -9.69 -14.23
C THR A 205 -15.38 -9.94 -13.65
N ASN A 206 -16.36 -10.21 -14.51
CA ASN A 206 -17.65 -10.61 -13.96
C ASN A 206 -17.57 -12.01 -13.33
N LYS A 207 -16.65 -12.86 -13.78
CA LYS A 207 -16.54 -14.18 -13.16
C LYS A 207 -15.86 -14.14 -11.78
N GLY A 208 -14.99 -13.15 -11.54
CA GLY A 208 -14.20 -13.07 -10.31
C GLY A 208 -12.96 -12.21 -10.44
N GLY A 209 -11.82 -12.70 -9.96
CA GLY A 209 -10.64 -11.87 -9.86
C GLY A 209 -10.69 -10.93 -8.66
N HIS A 210 -9.71 -10.03 -8.59
CA HIS A 210 -9.60 -9.13 -7.45
C HIS A 210 -8.82 -7.90 -7.86
N ALA A 211 -8.94 -6.85 -7.07
CA ALA A 211 -8.15 -5.64 -7.34
C ALA A 211 -7.53 -5.12 -6.04
N GLU A 212 -6.30 -4.62 -6.16
CA GLU A 212 -5.68 -3.80 -5.11
C GLU A 212 -6.20 -2.36 -5.25
N PHE A 213 -6.51 -1.73 -4.11
CA PHE A 213 -7.13 -0.40 -4.07
C PHE A 213 -6.51 0.46 -2.98
N VAL A 214 -6.81 1.77 -3.04
CA VAL A 214 -6.71 2.69 -1.93
C VAL A 214 -8.06 3.33 -1.68
N SER A 215 -8.29 3.80 -0.45
CA SER A 215 -9.59 4.36 -0.08
C SER A 215 -9.44 5.15 1.21
N ASP A 216 -10.56 5.75 1.66
CA ASP A 216 -10.66 6.37 2.98
C ASP A 216 -9.50 7.33 3.23
N PHE A 217 -9.31 8.24 2.28
CA PHE A 217 -8.27 9.23 2.47
C PHE A 217 -8.64 10.08 3.69
N GLY A 218 -7.69 10.22 4.61
CA GLY A 218 -7.96 10.87 5.88
C GLY A 218 -8.16 12.37 5.72
N ALA A 219 -8.37 13.00 6.86
CA ALA A 219 -8.57 14.46 6.87
C ALA A 219 -7.42 15.12 6.14
N ASN A 220 -7.69 16.17 5.35
CA ASN A 220 -6.65 16.91 4.64
C ASN A 220 -5.90 16.07 3.60
N ASN A 221 -6.36 14.85 3.28
CA ASN A 221 -5.78 14.04 2.20
C ASN A 221 -6.75 13.88 1.04
N ALA A 222 -6.23 13.75 -0.18
CA ALA A 222 -7.11 13.47 -1.30
C ALA A 222 -6.40 12.65 -2.37
N PHE A 223 -7.17 11.78 -3.04
CA PHE A 223 -6.71 11.04 -4.20
C PHE A 223 -6.86 11.91 -5.47
N LYS A 224 -5.87 11.81 -6.36
CA LYS A 224 -5.90 12.52 -7.63
C LYS A 224 -5.60 11.56 -8.77
N TYR A 225 -6.41 11.63 -9.85
CA TYR A 225 -6.30 10.73 -10.99
C TYR A 225 -5.11 11.11 -11.88
N ILE A 226 -4.40 10.10 -12.40
CA ILE A 226 -3.39 10.31 -13.43
C ILE A 226 -3.99 9.96 -14.76
N ASN A 227 -3.83 10.85 -15.75
CA ASN A 227 -4.46 10.61 -17.05
C ASN A 227 -3.93 9.33 -17.69
N GLY A 228 -4.85 8.48 -18.17
CA GLY A 228 -4.52 7.21 -18.76
C GLY A 228 -4.39 6.09 -17.77
N SER A 229 -4.47 6.38 -16.48
CA SER A 229 -4.42 5.32 -15.46
C SER A 229 -5.74 4.57 -15.44
N TYR A 230 -5.67 3.30 -15.11
CA TYR A 230 -6.88 2.50 -15.02
C TYR A 230 -7.50 2.57 -13.65
N VAL A 231 -6.80 3.21 -12.71
CA VAL A 231 -7.20 3.33 -11.31
C VAL A 231 -8.01 4.60 -11.16
N LYS A 232 -9.28 4.46 -10.78
CA LYS A 232 -10.21 5.60 -10.70
C LYS A 232 -11.29 5.24 -9.70
N LYS A 233 -11.98 6.26 -9.20
CA LYS A 233 -12.95 6.07 -8.13
C LYS A 233 -14.17 5.28 -8.57
N GLN A 234 -14.53 4.26 -7.80
CA GLN A 234 -15.64 3.37 -8.11
C GLN A 234 -16.86 3.71 -7.27
N ALA A 235 -17.96 3.04 -7.58
CA ALA A 235 -19.22 3.33 -6.89
C ALA A 235 -19.11 3.02 -5.41
N ASP A 236 -18.21 2.11 -5.02
CA ASP A 236 -18.06 1.74 -3.62
C ASP A 236 -17.12 2.68 -2.86
N GLY A 237 -16.67 3.77 -3.48
CA GLY A 237 -15.86 4.76 -2.80
C GLY A 237 -14.38 4.49 -2.83
N LYS A 238 -13.97 3.36 -3.38
CA LYS A 238 -12.57 2.97 -3.46
C LYS A 238 -12.02 3.28 -4.85
N PHE A 239 -10.70 3.30 -4.92
CA PHE A 239 -9.97 3.64 -6.13
C PHE A 239 -9.23 2.39 -6.58
N TYR A 240 -9.63 1.82 -7.72
CA TYR A 240 -8.96 0.68 -8.31
C TYR A 240 -9.39 0.52 -9.76
N SER A 241 -8.74 -0.42 -10.45
CA SER A 241 -9.17 -0.75 -11.80
C SER A 241 -10.28 -1.77 -11.74
N PRO A 242 -11.48 -1.45 -12.21
CA PRO A 242 -12.58 -2.43 -12.20
C PRO A 242 -12.47 -3.51 -13.26
N GLU A 243 -11.42 -3.53 -14.07
CA GLU A 243 -11.28 -4.56 -15.07
C GLU A 243 -9.85 -5.08 -15.11
N ASP A 244 -9.71 -6.24 -15.76
CA ASP A 244 -8.49 -7.04 -15.72
C ASP A 244 -7.41 -6.37 -16.56
N ILE A 245 -6.37 -5.86 -15.88
CA ILE A 245 -5.13 -5.48 -16.52
C ILE A 245 -4.01 -6.46 -16.16
N ASP A 246 -4.36 -7.66 -15.67
CA ASP A 246 -3.36 -8.60 -15.19
C ASP A 246 -3.21 -9.83 -16.07
N TYR A 247 -4.30 -10.41 -16.57
CA TYR A 247 -4.23 -11.65 -17.32
C TYR A 247 -4.73 -11.51 -18.77
N GLY A 248 -4.98 -10.29 -19.26
CA GLY A 248 -5.30 -10.07 -20.67
C GLY A 248 -6.72 -10.33 -21.14
N THR A 249 -7.65 -10.61 -20.24
CA THR A 249 -9.05 -10.87 -20.59
C THR A 249 -9.90 -9.62 -20.62
N GLY A 250 -9.36 -8.46 -20.24
CA GLY A 250 -10.17 -7.27 -20.13
C GLY A 250 -10.23 -6.54 -21.45
N PRO A 251 -11.11 -5.54 -21.56
CA PRO A 251 -11.21 -4.81 -22.83
C PRO A 251 -9.88 -4.30 -23.35
N SER A 252 -8.97 -3.91 -22.46
CA SER A 252 -7.66 -3.44 -22.91
C SER A 252 -6.76 -4.57 -23.36
N GLY A 253 -7.08 -5.82 -22.99
CA GLY A 253 -6.20 -6.95 -23.23
C GLY A 253 -4.85 -6.94 -22.54
N LEU A 254 -4.62 -6.01 -21.61
CA LEU A 254 -3.33 -5.84 -20.97
C LEU A 254 -3.03 -7.00 -20.02
N LYS A 255 -1.73 -7.29 -19.86
CA LYS A 255 -1.23 -8.27 -18.91
C LYS A 255 -0.31 -7.60 -17.90
N ASN A 256 -0.18 -8.22 -16.72
CA ASN A 256 0.63 -7.62 -15.67
C ASN A 256 2.02 -7.27 -16.14
N SER A 257 2.65 -8.16 -16.92
CA SER A 257 3.99 -7.88 -17.42
C SER A 257 4.02 -6.68 -18.37
N ASP A 258 2.88 -6.20 -18.87
CA ASP A 258 2.88 -5.05 -19.76
C ASP A 258 3.04 -3.71 -19.06
N TRP A 259 2.95 -3.65 -17.73
CA TRP A 259 2.97 -2.36 -17.03
C TRP A 259 3.46 -2.45 -15.58
N ASP A 260 3.16 -3.56 -14.89
CA ASP A 260 3.28 -3.63 -13.43
C ASP A 260 4.72 -4.02 -13.05
N ALA A 261 5.58 -3.04 -13.20
CA ALA A 261 6.95 -3.16 -12.75
C ALA A 261 7.36 -1.76 -12.35
N VAL A 262 8.16 -1.67 -11.29
CA VAL A 262 8.70 -0.38 -10.91
C VAL A 262 9.63 0.10 -12.01
N GLY A 263 9.42 1.34 -12.43
CA GLY A 263 10.20 1.90 -13.51
C GLY A 263 9.63 1.70 -14.89
N HIS A 264 8.48 1.04 -15.02
CA HIS A 264 7.96 0.76 -16.35
C HIS A 264 7.36 2.02 -16.93
N LYS A 265 7.55 2.21 -18.25
CA LYS A 265 6.92 3.34 -18.93
C LYS A 265 5.41 3.31 -18.76
N ASN A 266 4.83 2.14 -18.55
CA ASN A 266 3.38 2.00 -18.42
C ASN A 266 2.94 1.85 -16.98
N ALA A 267 3.83 2.16 -16.02
CA ALA A 267 3.51 1.89 -14.63
C ALA A 267 2.40 2.80 -14.13
N TYR A 268 2.24 3.95 -14.78
CA TYR A 268 1.11 4.82 -14.48
C TYR A 268 -0.23 4.13 -14.70
N PHE A 269 -0.26 3.05 -15.52
CA PHE A 269 -1.52 2.33 -15.74
C PHE A 269 -2.17 1.96 -14.42
N GLY A 270 -1.36 1.70 -13.39
CA GLY A 270 -1.94 1.35 -12.12
C GLY A 270 -1.63 2.29 -10.98
N SER A 271 -1.61 3.61 -11.24
CA SER A 271 -1.21 4.57 -10.22
C SER A 271 -2.22 5.71 -10.06
N GLY A 272 -2.06 6.37 -8.93
CA GLY A 272 -2.70 7.65 -8.66
C GLY A 272 -1.72 8.47 -7.85
N VAL A 273 -2.16 9.65 -7.44
CA VAL A 273 -1.37 10.52 -6.60
C VAL A 273 -2.17 10.86 -5.34
N GLY A 274 -1.52 10.75 -4.18
CA GLY A 274 -2.06 11.25 -2.93
C GLY A 274 -1.51 12.63 -2.61
N LEU A 275 -2.41 13.52 -2.22
CA LEU A 275 -2.06 14.91 -1.87
C LEU A 275 -2.53 15.16 -0.43
N ALA A 276 -1.65 15.72 0.40
CA ALA A 276 -1.99 15.93 1.80
C ALA A 276 -1.63 17.36 2.21
N ASN A 277 -2.64 18.16 2.59
CA ASN A 277 -2.38 19.45 3.25
C ASN A 277 -2.27 19.28 4.75
N GLY A 278 -1.73 18.17 5.22
CA GLY A 278 -1.69 17.82 6.63
C GLY A 278 -0.97 16.48 6.73
N ARG A 279 -1.07 15.83 7.90
CA ARG A 279 -0.53 14.49 8.10
C ARG A 279 -1.08 13.50 7.08
N ILE A 280 -0.19 12.72 6.48
CA ILE A 280 -0.58 11.68 5.53
C ILE A 280 -1.36 10.58 6.22
N SER A 281 -2.48 10.20 5.64
CA SER A 281 -3.27 9.09 6.22
C SER A 281 -4.25 8.60 5.18
N PHE A 282 -4.31 7.30 4.95
CA PHE A 282 -5.19 6.76 3.91
C PHE A 282 -5.26 5.26 4.16
N SER A 283 -6.14 4.56 3.41
CA SER A 283 -6.16 3.10 3.52
C SER A 283 -5.81 2.39 2.22
N PHE A 284 -5.27 1.18 2.32
CA PHE A 284 -4.98 0.40 1.12
C PHE A 284 -5.48 -1.02 1.33
N GLY A 285 -5.71 -1.75 0.26
CA GLY A 285 -6.23 -3.09 0.47
C GLY A 285 -6.45 -3.86 -0.80
N MET A 286 -7.22 -4.93 -0.64
CA MET A 286 -7.56 -5.81 -1.74
C MET A 286 -9.06 -6.12 -1.67
N THR A 287 -9.74 -6.07 -2.82
CA THR A 287 -11.17 -6.35 -2.87
C THR A 287 -11.49 -7.40 -3.96
N THR A 288 -12.28 -8.39 -3.60
CA THR A 288 -12.81 -9.33 -4.57
C THR A 288 -14.19 -8.91 -4.98
N LYS A 289 -14.54 -7.68 -4.64
CA LYS A 289 -15.92 -7.19 -4.71
C LYS A 289 -16.90 -8.16 -4.06
N GLY A 290 -16.42 -9.02 -3.15
CA GLY A 290 -17.27 -9.87 -2.35
C GLY A 290 -17.21 -11.37 -2.60
N LYS A 291 -16.53 -11.85 -3.66
CA LYS A 291 -16.39 -13.28 -3.91
C LYS A 291 -15.38 -13.89 -2.95
N SER A 292 -15.67 -15.11 -2.45
CA SER A 292 -14.82 -15.76 -1.46
C SER A 292 -13.86 -16.79 -2.05
N ASN A 293 -14.14 -17.34 -3.22
CA ASN A 293 -13.21 -18.31 -3.77
C ASN A 293 -12.44 -17.70 -4.94
N VAL A 294 -11.65 -16.68 -4.66
CA VAL A 294 -10.73 -16.06 -5.62
C VAL A 294 -9.30 -16.36 -5.17
N PRO A 295 -8.52 -17.09 -5.96
CA PRO A 295 -7.12 -17.37 -5.57
C PRO A 295 -6.26 -16.10 -5.47
N VAL A 296 -5.20 -16.22 -4.65
CA VAL A 296 -4.14 -15.23 -4.43
C VAL A 296 -4.71 -13.81 -4.33
N SER A 297 -5.79 -13.66 -3.55
CA SER A 297 -6.52 -12.40 -3.46
C SER A 297 -6.52 -11.81 -2.06
N SER A 298 -5.53 -12.19 -1.22
CA SER A 298 -5.52 -11.71 0.15
C SER A 298 -4.10 -11.44 0.71
N ALA A 299 -3.09 -11.27 -0.13
CA ALA A 299 -1.83 -10.75 0.36
C ALA A 299 -1.25 -9.80 -0.69
N GLN A 300 -0.65 -8.69 -0.19
CA GLN A 300 -0.19 -7.69 -1.14
C GLN A 300 1.10 -7.05 -0.61
N TRP A 301 1.79 -6.38 -1.56
CA TRP A 301 2.94 -5.54 -1.20
C TRP A 301 2.49 -4.10 -1.36
N PHE A 302 2.64 -3.30 -0.31
CA PHE A 302 2.34 -1.87 -0.38
C PHE A 302 3.64 -1.11 -0.11
N ALA A 303 4.17 -0.46 -1.14
CA ALA A 303 5.36 0.37 -1.01
C ALA A 303 4.95 1.83 -0.93
N PHE A 304 5.62 2.57 -0.06
CA PHE A 304 5.39 4.00 0.13
C PHE A 304 6.56 4.80 -0.39
N SER A 305 6.30 5.75 -1.29
CA SER A 305 7.36 6.66 -1.72
C SER A 305 6.74 7.90 -2.32
N THR A 306 7.60 8.83 -2.73
CA THR A 306 7.19 10.06 -3.40
C THR A 306 7.54 10.04 -4.88
N ASN A 307 7.83 8.85 -5.41
CA ASN A 307 8.13 8.64 -6.82
C ASN A 307 6.81 8.51 -7.57
N LEU A 308 6.25 9.64 -7.98
CA LEU A 308 4.95 9.65 -8.63
C LEU A 308 5.12 9.19 -10.06
N ASN A 309 4.16 8.40 -10.53
CA ASN A 309 4.19 8.05 -11.95
C ASN A 309 3.49 9.09 -12.83
N ALA A 310 3.47 10.35 -12.38
CA ALA A 310 2.99 11.46 -13.19
C ALA A 310 3.72 12.74 -12.79
N GLN A 311 3.48 13.80 -13.56
CA GLN A 311 3.99 15.12 -13.23
C GLN A 311 2.89 16.12 -12.95
N SER A 312 1.66 15.80 -13.33
CA SER A 312 0.54 16.71 -13.19
C SER A 312 -0.67 15.83 -12.97
N VAL A 313 -1.77 16.45 -12.53
CA VAL A 313 -2.99 15.72 -12.20
C VAL A 313 -4.12 16.63 -12.59
N LYS A 314 -5.29 16.06 -12.71
CA LYS A 314 -6.48 16.86 -12.83
C LYS A 314 -6.76 17.56 -11.51
N PRO A 315 -6.93 18.88 -11.51
CA PRO A 315 -7.47 19.71 -10.43
C PRO A 315 -9.00 19.55 -10.30
#